data_3GPK
#
_entry.id   3GPK
#
_cell.length_a   40.020
_cell.length_b   61.407
_cell.length_c   41.074
_cell.angle_alpha   90.00
_cell.angle_beta   90.27
_cell.angle_gamma   90.00
#
_symmetry.space_group_name_H-M   'P 1 21 1'
#
loop_
_entity.id
_entity.type
_entity.pdbx_description
1 polymer 'PpiC-type peptidyl-prolyl cis-trans isomerase'
2 non-polymer 'SULFATE ION'
3 water water
#
_entity_poly.entity_id   1
_entity_poly.type   'polypeptide(L)'
_entity_poly.pdbx_seq_one_letter_code
;(MSE)SLGTEEYRIGEIFLAATEENKPQVFANAEKIVEQLKQGGSFVAYARQYSEASTAAVGGDLGWIRLAQLPTELATT
AAS(MSE)GPGQLAGPVEIRGGFSILYLIDKREGHHHHHH
;
_entity_poly.pdbx_strand_id   A,B
#
# COMPACT_ATOMS: atom_id res chain seq x y z
N THR A 5 -5.87 9.09 -4.93
CA THR A 5 -5.85 8.90 -6.42
C THR A 5 -4.43 8.92 -6.93
N GLU A 6 -3.47 9.03 -6.02
CA GLU A 6 -2.07 9.08 -6.40
C GLU A 6 -1.55 7.82 -7.08
N GLU A 7 -0.67 8.03 -8.05
CA GLU A 7 -0.02 6.95 -8.77
C GLU A 7 1.44 7.28 -8.62
N TYR A 8 2.27 6.24 -8.54
CA TYR A 8 3.70 6.46 -8.36
C TYR A 8 4.52 5.72 -9.37
N ARG A 9 5.53 6.39 -9.92
CA ARG A 9 6.44 5.74 -10.84
C ARG A 9 7.62 5.43 -9.92
N ILE A 10 7.80 4.15 -9.63
CA ILE A 10 8.84 3.74 -8.71
C ILE A 10 9.88 2.80 -9.30
N GLY A 11 11.12 2.99 -8.86
CA GLY A 11 12.22 2.14 -9.28
C GLY A 11 12.53 1.28 -8.08
N GLU A 12 12.82 0.00 -8.30
CA GLU A 12 13.13 -0.90 -7.19
C GLU A 12 14.32 -1.80 -7.44
N ILE A 13 15.13 -1.98 -6.40
CA ILE A 13 16.26 -2.90 -6.44
C ILE A 13 15.96 -3.86 -5.29
N PHE A 14 15.73 -5.13 -5.61
CA PHE A 14 15.41 -6.13 -4.61
C PHE A 14 16.54 -7.11 -4.38
N LEU A 15 16.89 -7.34 -3.12
CA LEU A 15 17.94 -8.30 -2.78
C LEU A 15 17.30 -9.34 -1.86
N ALA A 16 17.22 -10.57 -2.35
CA ALA A 16 16.61 -11.66 -1.58
C ALA A 16 17.52 -12.12 -0.45
N ALA A 17 16.90 -12.52 0.66
CA ALA A 17 17.68 -13.00 1.79
C ALA A 17 16.84 -13.82 2.74
N THR A 18 17.39 -14.95 3.17
CA THR A 18 16.70 -15.79 4.14
C THR A 18 16.88 -15.03 5.45
N GLU A 19 16.09 -15.35 6.46
CA GLU A 19 16.21 -14.64 7.72
C GLU A 19 17.64 -14.69 8.25
N GLU A 20 18.29 -15.84 8.07
CA GLU A 20 19.66 -16.03 8.53
C GLU A 20 20.66 -15.12 7.84
N ASN A 21 20.42 -14.85 6.55
CA ASN A 21 21.31 -14.01 5.77
C ASN A 21 20.91 -12.55 5.70
N LYS A 22 19.79 -12.19 6.31
CA LYS A 22 19.34 -10.81 6.23
C LYS A 22 20.32 -9.74 6.69
N PRO A 23 20.95 -9.92 7.87
CA PRO A 23 21.89 -8.87 8.27
C PRO A 23 22.99 -8.63 7.23
N GLN A 24 23.49 -9.71 6.64
CA GLN A 24 24.53 -9.59 5.62
C GLN A 24 24.01 -8.93 4.35
N VAL A 25 22.82 -9.34 3.90
CA VAL A 25 22.27 -8.75 2.69
C VAL A 25 21.91 -7.29 2.94
N PHE A 26 21.50 -6.94 4.16
CA PHE A 26 21.19 -5.55 4.47
C PHE A 26 22.45 -4.72 4.28
N ALA A 27 23.59 -5.27 4.69
CA ALA A 27 24.86 -4.57 4.56
C ALA A 27 25.16 -4.34 3.08
N ASN A 28 24.90 -5.34 2.25
CA ASN A 28 25.14 -5.22 0.82
C ASN A 28 24.25 -4.15 0.24
N ALA A 29 22.98 -4.16 0.66
CA ALA A 29 22.01 -3.18 0.17
C ALA A 29 22.38 -1.76 0.59
N GLU A 30 22.84 -1.59 1.83
CA GLU A 30 23.21 -0.28 2.31
C GLU A 30 24.37 0.28 1.50
N LYS A 31 25.32 -0.56 1.12
CA LYS A 31 26.45 -0.08 0.32
C LYS A 31 25.95 0.43 -1.03
N ILE A 32 24.92 -0.23 -1.56
CA ILE A 32 24.35 0.18 -2.84
C ILE A 32 23.65 1.53 -2.67
N VAL A 33 22.89 1.67 -1.58
CA VAL A 33 22.21 2.93 -1.33
C VAL A 33 23.23 4.05 -1.23
N GLU A 34 24.36 3.77 -0.58
CA GLU A 34 25.42 4.76 -0.45
C GLU A 34 25.91 5.22 -1.82
N GLN A 35 26.14 4.27 -2.72
CA GLN A 35 26.60 4.60 -4.07
C GLN A 35 25.55 5.40 -4.84
N LEU A 36 24.28 5.06 -4.64
CA LEU A 36 23.21 5.77 -5.34
C LEU A 36 23.07 7.19 -4.83
N LYS A 37 23.12 7.36 -3.51
CA LYS A 37 23.00 8.68 -2.92
C LYS A 37 24.16 9.57 -3.36
N GLN A 38 25.31 8.96 -3.67
CA GLN A 38 26.46 9.73 -4.10
C GLN A 38 26.48 10.01 -5.61
N GLY A 39 25.47 9.53 -6.32
CA GLY A 39 25.39 9.79 -7.75
C GLY A 39 25.27 8.62 -8.71
N GLY A 40 25.39 7.40 -8.21
CA GLY A 40 25.29 6.24 -9.07
C GLY A 40 23.97 6.11 -9.81
N SER A 41 24.02 5.53 -11.00
CA SER A 41 22.84 5.33 -11.84
C SER A 41 21.94 4.25 -11.25
N PHE A 42 20.70 4.59 -10.96
CA PHE A 42 19.78 3.61 -10.39
C PHE A 42 19.60 2.45 -11.36
N VAL A 43 19.49 2.77 -12.64
CA VAL A 43 19.31 1.75 -13.67
C VAL A 43 20.49 0.79 -13.70
N ALA A 44 21.71 1.33 -13.63
CA ALA A 44 22.90 0.50 -13.65
C ALA A 44 22.97 -0.43 -12.44
N TYR A 45 22.71 0.11 -11.26
CA TYR A 45 22.76 -0.72 -10.06
C TYR A 45 21.64 -1.74 -10.03
N ALA A 46 20.47 -1.37 -10.56
CA ALA A 46 19.35 -2.30 -10.60
C ALA A 46 19.67 -3.47 -11.54
N ARG A 47 20.23 -3.17 -12.70
CA ARG A 47 20.57 -4.22 -13.65
C ARG A 47 21.62 -5.17 -13.08
N GLN A 48 22.55 -4.64 -12.29
CA GLN A 48 23.61 -5.45 -11.71
C GLN A 48 23.19 -6.23 -10.46
N TYR A 49 22.42 -5.58 -9.59
CA TYR A 49 22.04 -6.20 -8.32
C TYR A 49 20.61 -6.66 -8.09
N SER A 50 19.63 -6.10 -8.78
CA SER A 50 18.27 -6.51 -8.48
C SER A 50 18.00 -7.95 -8.84
N GLU A 51 17.33 -8.64 -7.92
CA GLU A 51 16.99 -10.05 -8.11
C GLU A 51 15.53 -10.21 -8.51
N ALA A 52 14.89 -9.08 -8.80
CA ALA A 52 13.50 -9.09 -9.25
C ALA A 52 13.51 -9.17 -10.77
N SER A 53 12.39 -9.60 -11.34
CA SER A 53 12.26 -9.73 -12.79
C SER A 53 12.36 -8.40 -13.53
N THR A 54 12.26 -7.30 -12.78
CA THR A 54 12.34 -5.97 -13.39
C THR A 54 13.77 -5.45 -13.47
N ALA A 55 14.73 -6.28 -13.07
CA ALA A 55 16.13 -5.88 -13.11
C ALA A 55 16.57 -5.43 -14.50
N ALA A 56 16.21 -6.21 -15.51
CA ALA A 56 16.58 -5.90 -16.89
C ALA A 56 16.13 -4.51 -17.35
N VAL A 57 15.01 -4.03 -16.84
CA VAL A 57 14.51 -2.72 -17.22
C VAL A 57 14.93 -1.61 -16.24
N GLY A 58 16.03 -1.84 -15.53
CA GLY A 58 16.50 -0.82 -14.60
C GLY A 58 15.66 -0.70 -13.34
N GLY A 59 14.87 -1.73 -13.04
CA GLY A 59 14.05 -1.72 -11.84
C GLY A 59 12.80 -0.87 -11.89
N ASP A 60 12.49 -0.34 -13.08
CA ASP A 60 11.32 0.49 -13.28
C ASP A 60 10.04 -0.33 -13.13
N LEU A 61 9.20 0.02 -12.15
CA LEU A 61 7.94 -0.71 -11.95
C LEU A 61 6.83 -0.05 -12.75
N GLY A 62 7.15 1.06 -13.39
CA GLY A 62 6.16 1.80 -14.13
C GLY A 62 5.24 2.51 -13.14
N TRP A 63 4.08 2.96 -13.61
CA TRP A 63 3.13 3.64 -12.75
C TRP A 63 2.33 2.62 -11.97
N ILE A 64 2.34 2.74 -10.64
CA ILE A 64 1.60 1.81 -9.79
C ILE A 64 0.83 2.50 -8.68
N ARG A 65 -0.12 1.78 -8.11
CA ARG A 65 -0.90 2.27 -6.99
C ARG A 65 -0.28 1.60 -5.77
N LEU A 66 -0.27 2.29 -4.63
CA LEU A 66 0.36 1.73 -3.42
C LEU A 66 -0.13 0.35 -3.00
N ALA A 67 -1.39 0.04 -3.32
CA ALA A 67 -1.93 -1.26 -2.96
C ALA A 67 -1.23 -2.40 -3.70
N GLN A 68 -0.47 -2.07 -4.75
CA GLN A 68 0.24 -3.10 -5.50
C GLN A 68 1.54 -3.50 -4.81
N LEU A 69 1.97 -2.67 -3.85
CA LEU A 69 3.20 -2.95 -3.12
C LEU A 69 2.93 -3.61 -1.77
N PRO A 70 3.92 -4.36 -1.27
CA PRO A 70 3.72 -5.00 0.03
C PRO A 70 3.69 -3.87 1.04
N THR A 71 3.02 -4.09 2.16
CA THR A 71 2.88 -3.08 3.19
C THR A 71 4.13 -2.25 3.51
N GLU A 72 5.25 -2.94 3.75
CA GLU A 72 6.51 -2.27 4.08
C GLU A 72 6.91 -1.24 3.03
N LEU A 73 6.78 -1.61 1.76
CA LEU A 73 7.16 -0.69 0.69
C LEU A 73 6.09 0.35 0.41
N ALA A 74 4.83 -0.02 0.57
CA ALA A 74 3.72 0.90 0.35
C ALA A 74 3.76 2.05 1.36
N THR A 75 3.98 1.71 2.63
CA THR A 75 4.03 2.73 3.66
C THR A 75 5.29 3.61 3.52
N THR A 76 6.36 3.06 2.94
CA THR A 76 7.58 3.83 2.74
C THR A 76 7.37 4.81 1.58
N ALA A 77 6.82 4.30 0.49
CA ALA A 77 6.55 5.09 -0.70
C ALA A 77 5.59 6.24 -0.44
N ALA A 78 4.62 6.01 0.44
CA ALA A 78 3.62 7.03 0.75
C ALA A 78 4.23 8.28 1.37
N SER A 79 5.36 8.13 2.07
CA SER A 79 6.01 9.26 2.73
C SER A 79 7.18 9.86 1.96
N GLY A 81 9.49 11.78 -0.88
CA GLY A 81 9.38 12.99 -1.66
C GLY A 81 9.86 12.64 -3.05
N PRO A 82 9.41 13.33 -4.10
CA PRO A 82 9.84 13.00 -5.46
C PRO A 82 11.35 13.08 -5.67
N GLY A 83 11.88 12.14 -6.45
CA GLY A 83 13.31 12.11 -6.73
C GLY A 83 14.20 11.61 -5.62
N GLN A 84 13.61 11.11 -4.54
CA GLN A 84 14.40 10.61 -3.43
C GLN A 84 14.53 9.09 -3.45
N LEU A 85 15.53 8.61 -2.73
CA LEU A 85 15.81 7.18 -2.59
C LEU A 85 15.37 6.80 -1.18
N ALA A 86 14.95 5.55 -0.98
CA ALA A 86 14.53 5.09 0.34
C ALA A 86 15.01 3.67 0.55
N GLY A 87 15.33 3.32 1.78
CA GLY A 87 15.77 1.97 2.05
C GLY A 87 17.21 1.87 2.52
N PRO A 88 17.72 0.65 2.66
CA PRO A 88 16.96 -0.58 2.37
C PRO A 88 15.79 -0.81 3.31
N VAL A 89 14.69 -1.29 2.74
CA VAL A 89 13.48 -1.57 3.50
C VAL A 89 13.29 -3.09 3.56
N GLU A 90 13.18 -3.64 4.77
CA GLU A 90 12.98 -5.07 4.90
C GLU A 90 11.58 -5.50 4.49
N ILE A 91 11.50 -6.60 3.76
CA ILE A 91 10.22 -7.18 3.37
C ILE A 91 10.37 -8.66 3.66
N ARG A 92 9.31 -9.43 3.56
CA ARG A 92 9.41 -10.86 3.88
C ARG A 92 10.58 -11.60 3.24
N GLY A 93 10.77 -11.43 1.94
CA GLY A 93 11.84 -12.15 1.26
C GLY A 93 13.20 -11.51 1.13
N GLY A 94 13.41 -10.37 1.76
CA GLY A 94 14.70 -9.70 1.68
C GLY A 94 14.63 -8.21 1.92
N PHE A 95 15.29 -7.43 1.08
CA PHE A 95 15.32 -5.97 1.22
C PHE A 95 15.14 -5.29 -0.13
N SER A 96 14.50 -4.13 -0.11
CA SER A 96 14.30 -3.36 -1.34
C SER A 96 14.76 -1.93 -1.13
N ILE A 97 15.28 -1.35 -2.23
CA ILE A 97 15.71 0.02 -2.26
C ILE A 97 14.73 0.65 -3.25
N LEU A 98 14.12 1.77 -2.87
CA LEU A 98 13.16 2.43 -3.75
C LEU A 98 13.65 3.78 -4.24
N TYR A 99 13.17 4.15 -5.41
CA TYR A 99 13.50 5.43 -6.02
C TYR A 99 12.20 5.99 -6.58
N LEU A 100 11.76 7.11 -6.03
CA LEU A 100 10.52 7.73 -6.49
C LEU A 100 10.81 8.58 -7.73
N ILE A 101 10.66 7.96 -8.89
CA ILE A 101 10.92 8.60 -10.17
C ILE A 101 9.93 9.70 -10.54
N ASP A 102 8.65 9.43 -10.36
CA ASP A 102 7.63 10.41 -10.71
C ASP A 102 6.39 10.18 -9.85
N LYS A 103 5.50 11.14 -9.84
CA LYS A 103 4.28 11.04 -9.05
C LYS A 103 3.19 11.91 -9.67
N ARG A 104 1.96 11.41 -9.69
CA ARG A 104 0.86 12.18 -10.24
C ARG A 104 -0.42 11.87 -9.48
N GLU A 105 -1.36 12.81 -9.48
CA GLU A 105 -2.62 12.61 -8.79
C GLU A 105 -3.70 13.47 -9.41
N GLY A 106 -4.93 13.28 -8.93
CA GLY A 106 -6.06 14.03 -9.44
C GLY A 106 -7.22 13.11 -9.72
N HIS A 107 -8.43 13.57 -9.48
CA HIS A 107 -9.62 12.76 -9.71
C HIS A 107 -10.05 12.80 -11.16
N HIS A 108 -9.49 13.72 -11.94
CA HIS A 108 -9.88 13.87 -13.34
C HIS A 108 -8.72 13.86 -14.34
N HIS A 109 -8.78 12.93 -15.28
CA HIS A 109 -7.73 12.79 -16.28
C HIS A 109 -7.58 13.93 -17.28
N HIS A 110 -8.67 14.62 -17.62
CA HIS A 110 -8.55 15.69 -18.60
C HIS A 110 -7.84 16.93 -18.06
N HIS A 111 -7.51 16.91 -16.75
CA HIS A 111 -6.83 18.04 -16.12
C HIS A 111 -5.31 17.88 -16.39
N HIS A 112 -4.69 16.87 -16.81
CA HIS A 112 -3.35 16.83 -17.41
C HIS A 112 -3.45 16.85 -18.93
N SER B 2 -3.78 9.64 23.27
CA SER B 2 -3.17 9.99 21.96
C SER B 2 -3.57 8.99 20.88
N LEU B 3 -3.31 7.71 21.12
CA LEU B 3 -3.65 6.67 20.15
C LEU B 3 -5.15 6.71 19.82
N GLY B 4 -5.95 7.08 20.81
CA GLY B 4 -7.39 7.14 20.61
C GLY B 4 -7.87 8.38 19.88
N THR B 5 -7.06 9.44 19.90
CA THR B 5 -7.43 10.69 19.25
C THR B 5 -6.95 10.76 17.80
N GLU B 6 -6.09 9.84 17.41
CA GLU B 6 -5.58 9.84 16.03
C GLU B 6 -6.73 9.70 15.05
N GLU B 7 -6.64 10.40 13.93
CA GLU B 7 -7.68 10.35 12.91
C GLU B 7 -7.19 9.60 11.68
N TYR B 8 -8.06 8.76 11.14
CA TYR B 8 -7.72 7.95 9.98
C TYR B 8 -8.55 8.29 8.76
N ARG B 9 -7.89 8.46 7.62
CA ARG B 9 -8.62 8.73 6.40
C ARG B 9 -8.64 7.38 5.71
N ILE B 10 -9.78 6.70 5.83
CA ILE B 10 -9.94 5.35 5.32
C ILE B 10 -10.88 5.19 4.15
N GLY B 11 -10.50 4.29 3.24
CA GLY B 11 -11.33 3.95 2.11
C GLY B 11 -11.86 2.57 2.49
N GLU B 12 -13.16 2.34 2.28
CA GLU B 12 -13.76 1.06 2.63
C GLU B 12 -14.68 0.46 1.58
N ILE B 13 -14.58 -0.85 1.40
CA ILE B 13 -15.46 -1.56 0.50
C ILE B 13 -16.17 -2.52 1.43
N PHE B 14 -17.46 -2.32 1.64
CA PHE B 14 -18.22 -3.19 2.52
C PHE B 14 -19.08 -4.18 1.75
N LEU B 15 -18.92 -5.46 2.06
CA LEU B 15 -19.70 -6.52 1.42
C LEU B 15 -20.53 -7.19 2.50
N ALA B 16 -21.84 -6.95 2.47
CA ALA B 16 -22.73 -7.53 3.46
C ALA B 16 -22.94 -9.01 3.23
N ALA B 17 -23.24 -9.73 4.30
CA ALA B 17 -23.47 -11.15 4.20
C ALA B 17 -24.28 -11.67 5.36
N THR B 18 -25.20 -12.59 5.06
CA THR B 18 -25.99 -13.20 6.10
C THR B 18 -25.01 -14.22 6.68
N GLU B 19 -25.17 -14.59 7.94
CA GLU B 19 -24.26 -15.54 8.56
C GLU B 19 -24.06 -16.79 7.71
N GLU B 20 -25.14 -17.29 7.11
CA GLU B 20 -25.05 -18.50 6.29
C GLU B 20 -24.37 -18.29 4.93
N ASN B 21 -24.31 -17.05 4.45
CA ASN B 21 -23.69 -16.78 3.16
C ASN B 21 -22.29 -16.17 3.24
N LYS B 22 -21.77 -16.00 4.46
CA LYS B 22 -20.46 -15.40 4.63
C LYS B 22 -19.32 -16.07 3.84
N PRO B 23 -19.26 -17.41 3.81
CA PRO B 23 -18.19 -18.06 3.06
C PRO B 23 -18.18 -17.67 1.59
N GLN B 24 -19.38 -17.58 1.00
CA GLN B 24 -19.50 -17.19 -0.40
C GLN B 24 -19.05 -15.74 -0.57
N VAL B 25 -19.51 -14.88 0.32
CA VAL B 25 -19.16 -13.47 0.25
C VAL B 25 -17.68 -13.25 0.51
N PHE B 26 -17.10 -13.99 1.44
CA PHE B 26 -15.68 -13.84 1.72
C PHE B 26 -14.85 -14.17 0.48
N ALA B 27 -15.22 -15.26 -0.20
CA ALA B 27 -14.51 -15.70 -1.40
C ALA B 27 -14.50 -14.58 -2.43
N ASN B 28 -15.64 -13.93 -2.60
CA ASN B 28 -15.76 -12.84 -3.55
C ASN B 28 -14.89 -11.67 -3.09
N ALA B 29 -14.89 -11.37 -1.80
CA ALA B 29 -14.09 -10.27 -1.27
C ALA B 29 -12.59 -10.53 -1.44
N GLU B 30 -12.20 -11.79 -1.24
CA GLU B 30 -10.79 -12.18 -1.36
C GLU B 30 -10.32 -11.94 -2.79
N LYS B 31 -11.18 -12.26 -3.74
CA LYS B 31 -10.85 -12.09 -5.15
C LYS B 31 -10.74 -10.61 -5.48
N ILE B 32 -11.54 -9.79 -4.82
CA ILE B 32 -11.47 -8.35 -5.03
C ILE B 32 -10.15 -7.84 -4.49
N VAL B 33 -9.75 -8.30 -3.30
CA VAL B 33 -8.47 -7.89 -2.72
C VAL B 33 -7.32 -8.26 -3.66
N GLU B 34 -7.38 -9.45 -4.23
CA GLU B 34 -6.35 -9.91 -5.17
C GLU B 34 -6.26 -8.95 -6.35
N GLN B 35 -7.40 -8.54 -6.89
CA GLN B 35 -7.37 -7.62 -8.03
C GLN B 35 -6.81 -6.27 -7.62
N LEU B 36 -7.02 -5.87 -6.38
CA LEU B 36 -6.47 -4.59 -5.90
C LEU B 36 -4.95 -4.71 -5.83
N LYS B 37 -4.47 -5.87 -5.37
CA LYS B 37 -3.03 -6.11 -5.26
C LYS B 37 -2.40 -6.13 -6.65
N GLN B 38 -3.22 -6.41 -7.66
CA GLN B 38 -2.74 -6.45 -9.04
C GLN B 38 -2.89 -5.11 -9.75
N GLY B 39 -3.25 -4.07 -9.02
CA GLY B 39 -3.37 -2.75 -9.63
C GLY B 39 -4.76 -2.22 -9.91
N GLY B 40 -5.80 -2.94 -9.49
CA GLY B 40 -7.15 -2.46 -9.72
C GLY B 40 -7.43 -1.17 -8.96
N SER B 41 -8.35 -0.38 -9.48
CA SER B 41 -8.71 0.89 -8.84
C SER B 41 -9.63 0.68 -7.64
N PHE B 42 -9.19 1.12 -6.46
CA PHE B 42 -10.00 0.98 -5.25
C PHE B 42 -11.34 1.69 -5.41
N VAL B 43 -11.30 2.91 -5.95
CA VAL B 43 -12.51 3.68 -6.14
C VAL B 43 -13.51 2.97 -7.06
N ALA B 44 -13.00 2.38 -8.14
CA ALA B 44 -13.85 1.67 -9.07
C ALA B 44 -14.52 0.50 -8.38
N TYR B 45 -13.74 -0.28 -7.64
CA TYR B 45 -14.27 -1.43 -6.92
C TYR B 45 -15.25 -1.00 -5.84
N ALA B 46 -14.97 0.11 -5.17
CA ALA B 46 -15.86 0.61 -4.13
C ALA B 46 -17.19 1.03 -4.73
N ARG B 47 -17.14 1.81 -5.82
CA ARG B 47 -18.36 2.26 -6.46
C ARG B 47 -19.18 1.07 -6.94
N GLN B 48 -18.49 0.04 -7.40
CA GLN B 48 -19.13 -1.16 -7.93
C GLN B 48 -19.63 -2.14 -6.87
N TYR B 49 -18.81 -2.42 -5.87
CA TYR B 49 -19.14 -3.41 -4.85
C TYR B 49 -19.53 -2.98 -3.45
N SER B 50 -19.13 -1.79 -3.01
CA SER B 50 -19.47 -1.40 -1.64
C SER B 50 -20.96 -1.21 -1.42
N GLU B 51 -21.43 -1.77 -0.31
CA GLU B 51 -22.84 -1.69 0.05
C GLU B 51 -23.08 -0.63 1.13
N ALA B 52 -22.06 0.19 1.36
CA ALA B 52 -22.13 1.28 2.33
C ALA B 52 -22.50 2.57 1.61
N SER B 53 -22.94 3.57 2.37
CA SER B 53 -23.35 4.85 1.80
C SER B 53 -22.22 5.62 1.10
N THR B 54 -20.98 5.23 1.39
CA THR B 54 -19.83 5.91 0.80
C THR B 54 -19.38 5.34 -0.56
N ALA B 55 -20.11 4.37 -1.07
CA ALA B 55 -19.76 3.75 -2.35
C ALA B 55 -19.61 4.77 -3.48
N ALA B 56 -20.55 5.72 -3.55
CA ALA B 56 -20.53 6.74 -4.59
C ALA B 56 -19.25 7.58 -4.62
N VAL B 57 -18.62 7.78 -3.46
CA VAL B 57 -17.40 8.57 -3.42
C VAL B 57 -16.14 7.70 -3.31
N GLY B 58 -16.20 6.52 -3.91
CA GLY B 58 -15.07 5.61 -3.89
C GLY B 58 -14.77 4.98 -2.56
N GLY B 59 -15.75 4.94 -1.67
CA GLY B 59 -15.55 4.35 -0.35
C GLY B 59 -14.81 5.23 0.64
N ASP B 60 -14.60 6.49 0.28
CA ASP B 60 -13.90 7.43 1.15
C ASP B 60 -14.75 7.76 2.38
N LEU B 61 -14.29 7.34 3.54
CA LEU B 61 -15.02 7.58 4.79
C LEU B 61 -14.69 8.95 5.37
N GLY B 62 -13.72 9.62 4.76
CA GLY B 62 -13.30 10.92 5.26
C GLY B 62 -12.45 10.65 6.48
N TRP B 63 -12.14 11.70 7.25
CA TRP B 63 -11.34 11.53 8.45
C TRP B 63 -12.23 11.02 9.58
N ILE B 64 -11.81 9.93 10.21
CA ILE B 64 -12.60 9.34 11.27
C ILE B 64 -11.75 8.79 12.41
N ARG B 65 -12.33 8.73 13.60
CA ARG B 65 -11.64 8.20 14.77
C ARG B 65 -12.05 6.74 14.91
N LEU B 66 -11.17 5.93 15.46
CA LEU B 66 -11.43 4.50 15.60
C LEU B 66 -12.67 4.15 16.42
N ALA B 67 -13.09 5.04 17.31
CA ALA B 67 -14.25 4.78 18.14
C ALA B 67 -15.54 4.63 17.34
N GLN B 68 -15.56 5.21 16.14
CA GLN B 68 -16.73 5.17 15.28
C GLN B 68 -16.82 3.95 14.38
N LEU B 69 -15.82 3.08 14.46
CA LEU B 69 -15.80 1.89 13.61
C LEU B 69 -16.14 0.62 14.36
N PRO B 70 -16.51 -0.44 13.62
CA PRO B 70 -16.85 -1.71 14.24
C PRO B 70 -15.54 -2.15 14.90
N THR B 71 -15.63 -2.85 16.03
CA THR B 71 -14.44 -3.27 16.75
C THR B 71 -13.35 -3.92 15.89
N GLU B 72 -13.73 -4.86 15.03
CA GLU B 72 -12.75 -5.54 14.19
C GLU B 72 -12.02 -4.60 13.24
N LEU B 73 -12.74 -3.62 12.70
CA LEU B 73 -12.13 -2.67 11.78
C LEU B 73 -11.22 -1.71 12.53
N ALA B 74 -11.62 -1.33 13.74
CA ALA B 74 -10.80 -0.42 14.54
C ALA B 74 -9.49 -1.11 14.91
N THR B 75 -9.57 -2.38 15.28
CA THR B 75 -8.39 -3.15 15.64
C THR B 75 -7.45 -3.25 14.44
N THR B 76 -8.02 -3.53 13.28
CA THR B 76 -7.22 -3.65 12.06
C THR B 76 -6.54 -2.33 11.71
N ALA B 77 -7.32 -1.26 11.65
CA ALA B 77 -6.82 0.06 11.31
C ALA B 77 -5.74 0.58 12.27
N ALA B 78 -5.87 0.23 13.54
CA ALA B 78 -4.92 0.67 14.54
C ALA B 78 -3.48 0.28 14.22
N SER B 79 -3.31 -0.81 13.47
CA SER B 79 -1.96 -1.27 13.14
C SER B 79 -1.56 -0.96 11.70
N GLY B 81 -0.70 1.57 8.26
CA GLY B 81 0.03 2.79 7.92
C GLY B 81 -0.45 3.26 6.57
N PRO B 82 -0.33 4.56 6.23
CA PRO B 82 -0.78 5.06 4.93
C PRO B 82 -0.23 4.24 3.77
N GLY B 83 -1.12 3.87 2.84
CA GLY B 83 -0.72 3.10 1.68
C GLY B 83 -0.97 1.62 1.84
N GLN B 84 -1.35 1.20 3.04
CA GLN B 84 -1.61 -0.20 3.34
C GLN B 84 -3.03 -0.65 3.01
N LEU B 85 -3.15 -1.89 2.55
CA LEU B 85 -4.45 -2.47 2.21
C LEU B 85 -4.66 -3.63 3.18
N ALA B 86 -5.87 -3.75 3.71
CA ALA B 86 -6.14 -4.84 4.65
C ALA B 86 -7.54 -5.43 4.41
N GLY B 87 -7.68 -6.72 4.67
CA GLY B 87 -8.96 -7.35 4.48
C GLY B 87 -8.88 -8.57 3.60
N PRO B 88 -10.01 -9.27 3.39
CA PRO B 88 -11.31 -8.90 3.96
C PRO B 88 -11.41 -9.11 5.47
N VAL B 89 -11.84 -8.09 6.19
CA VAL B 89 -11.98 -8.20 7.64
C VAL B 89 -13.43 -8.53 7.97
N GLU B 90 -13.64 -9.58 8.77
CA GLU B 90 -15.00 -9.96 9.13
C GLU B 90 -15.54 -9.08 10.25
N ILE B 91 -16.79 -8.66 10.09
CA ILE B 91 -17.49 -7.86 11.07
C ILE B 91 -18.87 -8.47 11.17
N ARG B 92 -19.68 -8.03 12.13
CA ARG B 92 -21.01 -8.61 12.30
C ARG B 92 -21.86 -8.65 11.04
N GLY B 93 -21.85 -7.57 10.27
CA GLY B 93 -22.67 -7.52 9.06
C GLY B 93 -22.08 -8.08 7.78
N GLY B 94 -20.83 -8.53 7.82
CA GLY B 94 -20.22 -9.06 6.63
C GLY B 94 -18.71 -8.92 6.62
N PHE B 95 -18.17 -8.34 5.54
CA PHE B 95 -16.73 -8.16 5.37
C PHE B 95 -16.38 -6.78 4.82
N SER B 96 -15.25 -6.25 5.27
CA SER B 96 -14.78 -4.95 4.80
C SER B 96 -13.33 -5.01 4.34
N ILE B 97 -13.04 -4.33 3.23
CA ILE B 97 -11.68 -4.23 2.71
C ILE B 97 -11.30 -2.80 3.02
N LEU B 98 -10.17 -2.60 3.68
CA LEU B 98 -9.75 -1.26 4.06
C LEU B 98 -8.45 -0.80 3.41
N TYR B 99 -8.44 0.47 3.02
CA TYR B 99 -7.25 1.06 2.46
C TYR B 99 -7.01 2.33 3.26
N LEU B 100 -5.86 2.42 3.94
CA LEU B 100 -5.58 3.61 4.72
C LEU B 100 -4.90 4.65 3.82
N ILE B 101 -5.67 5.66 3.44
CA ILE B 101 -5.19 6.73 2.56
C ILE B 101 -4.16 7.58 3.28
N ASP B 102 -4.51 8.04 4.48
CA ASP B 102 -3.62 8.88 5.27
C ASP B 102 -3.99 8.79 6.74
N LYS B 103 -3.08 9.28 7.58
CA LYS B 103 -3.30 9.25 9.02
C LYS B 103 -2.67 10.51 9.60
N ARG B 104 -3.32 11.09 10.60
CA ARG B 104 -2.82 12.31 11.24
C ARG B 104 -3.14 12.26 12.73
N GLU B 105 -2.32 12.92 13.53
CA GLU B 105 -2.53 12.94 14.97
C GLU B 105 -3.79 13.73 15.29
N GLY B 106 -4.34 13.48 16.48
CA GLY B 106 -5.53 14.19 16.90
C GLY B 106 -5.23 15.65 17.11
N HIS B 107 -6.26 16.50 17.06
CA HIS B 107 -6.06 17.92 17.25
C HIS B 107 -5.60 18.19 18.68
N HIS B 108 -4.57 19.02 18.82
CA HIS B 108 -4.01 19.34 20.12
C HIS B 108 -4.93 20.20 21.00
N HIS B 109 -6.00 20.74 20.43
CA HIS B 109 -6.94 21.56 21.19
C HIS B 109 -8.14 20.74 21.63
#